data_4WUP
#
_entry.id   4WUP
#
_cell.length_a   63.332
_cell.length_b   71.284
_cell.length_c   120.719
_cell.angle_alpha   90.000
_cell.angle_beta   90.000
_cell.angle_gamma   90.000
#
_symmetry.space_group_name_H-M   'P 21 21 21'
#
loop_
_entity.id
_entity.type
_entity.pdbx_description
1 polymer 'Carbonic anhydrase 1'
2 non-polymer 'ZINC ION'
3 non-polymer 4-[(2-hydroxyethyl)sulfanyl]benzenesulfonamide
4 non-polymer 'ACETATE ION'
5 non-polymer DI(HYDROXYETHYL)ETHER
6 water water
#
_entity_poly.entity_id   1
_entity_poly.type   'polypeptide(L)'
_entity_poly.pdbx_seq_one_letter_code
;MSPDWGYDDKNGPEQWSKLYPIANGNNQSPVDIKTSETKHDTSLKPISVSYNPATAKEIINVGHSFHVNFEDNDNRSVLK
GGPFSDSYRLFQFHFHWGSTNEHGSEHTVDGVKYSAELHVAHWNSAKYSSLAEAASKADGLAVIGVLMKVGEANPKLQKV
LDALQAIKTKGKRAPFTNFDPSTLLPSSLDFWTYPGSLTHPPLYESVTWIICKESISVSSEQLAQFRSLLSNVEGDNAVP
MQHNNRPTQPLKGRTVRASF
;
_entity_poly.pdbx_strand_id   A,B
#
loop_
_chem_comp.id
_chem_comp.type
_chem_comp.name
_chem_comp.formula
3UF non-polymer 4-[(2-hydroxyethyl)sulfanyl]benzenesulfonamide 'C8 H11 N O3 S2'
ACT non-polymer 'ACETATE ION' 'C2 H3 O2 -1'
PEG non-polymer DI(HYDROXYETHYL)ETHER 'C4 H10 O3'
ZN non-polymer 'ZINC ION' 'Zn 2'
#
# COMPACT_ATOMS: atom_id res chain seq x y z
N TRP A 5 24.35 23.55 -8.17
CA TRP A 5 23.46 22.41 -8.57
C TRP A 5 22.99 22.41 -10.02
N GLY A 6 22.68 21.22 -10.49
CA GLY A 6 22.21 21.03 -11.86
C GLY A 6 21.52 19.68 -12.03
N TYR A 7 21.56 19.19 -13.27
CA TYR A 7 21.01 17.88 -13.60
C TYR A 7 22.05 16.91 -14.15
N ASP A 8 23.31 17.36 -14.27
CA ASP A 8 24.36 16.48 -14.79
C ASP A 8 24.79 15.47 -13.76
N ASP A 9 25.70 14.59 -14.14
CA ASP A 9 26.15 13.56 -13.21
C ASP A 9 26.76 14.10 -11.92
N LYS A 10 27.62 15.12 -12.02
CA LYS A 10 28.28 15.63 -10.82
C LYS A 10 27.44 16.50 -9.91
N ASN A 11 26.55 17.29 -10.49
CA ASN A 11 25.82 18.26 -9.65
C ASN A 11 24.31 17.93 -9.57
N GLY A 12 23.95 16.71 -9.98
CA GLY A 12 22.55 16.44 -10.32
C GLY A 12 21.81 15.81 -9.16
N PRO A 13 20.56 15.36 -9.43
CA PRO A 13 19.66 14.95 -8.36
C PRO A 13 20.23 13.96 -7.37
N GLU A 14 21.00 12.98 -7.84
CA GLU A 14 21.51 11.95 -6.89
C GLU A 14 22.50 12.52 -5.86
N GLN A 15 22.99 13.73 -6.15
CA GLN A 15 23.99 14.47 -5.35
C GLN A 15 23.44 15.66 -4.57
N TRP A 16 22.17 16.07 -4.77
CA TRP A 16 21.66 17.29 -4.09
C TRP A 16 21.67 17.29 -2.59
N SER A 17 21.58 16.11 -2.00
CA SER A 17 21.44 16.04 -0.54
C SER A 17 22.70 16.56 0.19
N LYS A 18 23.84 16.64 -0.50
CA LYS A 18 25.15 16.98 0.15
C LYS A 18 25.00 18.42 0.63
N LEU A 19 24.47 19.26 -0.28
CA LEU A 19 24.19 20.70 0.01
C LEU A 19 22.77 21.01 0.55
N TYR A 20 21.77 20.22 0.14
CA TYR A 20 20.40 20.41 0.65
C TYR A 20 19.93 19.13 1.23
N PRO A 21 20.09 18.96 2.56
CA PRO A 21 19.78 17.69 3.26
C PRO A 21 18.28 17.35 3.23
N ILE A 22 17.40 18.36 3.03
CA ILE A 22 15.98 18.12 2.85
C ILE A 22 15.69 17.16 1.63
N ALA A 23 16.64 16.97 0.73
CA ALA A 23 16.48 16.09 -0.45
C ALA A 23 16.05 14.68 0.00
N ASN A 24 16.47 14.29 1.18
CA ASN A 24 16.02 13.00 1.76
C ASN A 24 14.89 13.10 2.75
N GLY A 25 14.08 14.15 2.70
CA GLY A 25 13.04 14.40 3.68
C GLY A 25 11.82 13.51 3.45
N ASN A 26 10.74 13.80 4.18
CA ASN A 26 9.57 12.94 4.20
C ASN A 26 8.54 13.43 3.24
N ASN A 27 8.73 14.63 2.67
CA ASN A 27 7.72 15.20 1.76
C ASN A 27 8.33 15.67 0.45
N GLN A 28 9.21 14.87 -0.15
CA GLN A 28 9.90 15.25 -1.40
C GLN A 28 9.12 14.92 -2.63
N SER A 29 9.32 15.72 -3.68
CA SER A 29 8.54 15.57 -4.96
C SER A 29 9.55 15.51 -6.05
N PRO A 30 9.24 14.87 -7.22
CA PRO A 30 7.91 14.37 -7.51
C PRO A 30 7.79 12.94 -6.97
N VAL A 31 6.66 12.33 -7.31
CA VAL A 31 6.36 10.97 -6.79
C VAL A 31 5.74 10.19 -7.97
N ASP A 32 5.84 8.87 -7.86
CA ASP A 32 4.96 7.95 -8.65
C ASP A 32 3.60 7.82 -7.98
N ILE A 33 2.56 8.10 -8.74
CA ILE A 33 1.21 8.06 -8.23
C ILE A 33 0.70 6.65 -8.57
N LYS A 34 0.47 5.85 -7.54
CA LYS A 34 -0.06 4.47 -7.73
C LYS A 34 -1.58 4.51 -7.54
N THR A 35 -2.34 4.32 -8.63
CA THR A 35 -3.75 4.72 -8.57
C THR A 35 -4.58 3.72 -7.71
N SER A 36 -4.05 2.51 -7.55
CA SER A 36 -4.70 1.47 -6.67
C SER A 36 -4.55 1.87 -5.21
N GLU A 37 -3.54 2.71 -4.92
CA GLU A 37 -3.30 3.22 -3.55
C GLU A 37 -3.82 4.64 -3.22
N THR A 38 -4.48 5.32 -4.15
CA THR A 38 -5.02 6.65 -3.93
C THR A 38 -6.30 6.61 -3.12
N LYS A 39 -6.58 7.65 -2.37
CA LYS A 39 -7.87 7.68 -1.71
C LYS A 39 -8.81 8.71 -2.24
N HIS A 40 -9.98 8.24 -2.70
CA HIS A 40 -11.02 9.14 -3.21
C HIS A 40 -11.51 9.93 -2.03
N ASP A 41 -11.49 11.24 -2.15
CA ASP A 41 -11.90 12.12 -1.08
C ASP A 41 -12.96 13.10 -1.58
N THR A 42 -14.12 13.09 -0.90
CA THR A 42 -15.31 13.83 -1.35
C THR A 42 -15.39 15.25 -0.78
N SER A 43 -14.53 15.58 0.18
CA SER A 43 -14.43 16.97 0.67
C SER A 43 -13.69 17.94 -0.31
N LEU A 44 -12.84 17.38 -1.20
CA LEU A 44 -12.18 18.13 -2.29
C LEU A 44 -13.16 18.82 -3.20
N LYS A 45 -13.03 20.13 -3.33
CA LYS A 45 -13.81 20.88 -4.29
C LYS A 45 -13.11 20.87 -5.69
N PRO A 46 -13.84 21.30 -6.74
CA PRO A 46 -13.13 21.40 -8.01
C PRO A 46 -12.11 22.55 -7.95
N ILE A 47 -11.07 22.44 -8.76
CA ILE A 47 -10.03 23.49 -8.94
C ILE A 47 -10.66 24.62 -9.74
N SER A 48 -10.47 25.85 -9.30
CA SER A 48 -10.89 27.01 -10.06
C SER A 48 -9.63 27.85 -10.35
N VAL A 49 -9.31 28.00 -11.64
CA VAL A 49 -8.31 29.05 -12.03
C VAL A 49 -8.91 30.25 -12.75
N SER A 50 -8.43 31.46 -12.41
CA SER A 50 -8.90 32.68 -13.08
C SER A 50 -7.66 33.57 -13.21
N TYR A 51 -7.06 33.60 -14.37
CA TYR A 51 -5.80 34.32 -14.62
C TYR A 51 -6.06 35.41 -15.62
N ASN A 52 -5.54 36.60 -15.35
CA ASN A 52 -5.64 37.78 -16.20
C ASN A 52 -4.39 37.84 -17.09
N PRO A 53 -4.54 37.80 -18.44
CA PRO A 53 -3.40 37.78 -19.34
C PRO A 53 -2.47 39.01 -19.20
N ALA A 54 -2.99 40.13 -18.71
CA ALA A 54 -2.20 41.34 -18.41
C ALA A 54 -1.13 41.10 -17.29
N THR A 55 -1.28 40.05 -16.47
CA THR A 55 -0.18 39.75 -15.51
C THR A 55 1.03 39.04 -16.12
N ALA A 56 0.97 38.54 -17.36
CA ALA A 56 2.16 37.89 -17.94
C ALA A 56 3.31 38.98 -18.06
N LYS A 57 4.52 38.66 -17.61
CA LYS A 57 5.59 39.68 -17.53
C LYS A 57 6.83 39.39 -18.39
N GLU A 58 7.49 38.23 -18.22
CA GLU A 58 8.81 38.06 -18.77
C GLU A 58 9.08 36.58 -18.93
N ILE A 59 9.90 36.25 -19.92
CA ILE A 59 10.43 34.89 -20.07
C ILE A 59 11.95 34.90 -19.89
N ILE A 60 12.49 33.93 -19.15
CA ILE A 60 13.90 33.93 -18.69
C ILE A 60 14.52 32.57 -18.86
N ASN A 61 15.73 32.55 -19.43
CA ASN A 61 16.55 31.38 -19.51
C ASN A 61 17.36 31.33 -18.25
N VAL A 62 17.06 30.32 -17.41
CA VAL A 62 17.77 30.16 -16.14
C VAL A 62 18.84 29.07 -16.15
N GLY A 63 19.37 28.71 -17.32
CA GLY A 63 20.47 27.77 -17.40
C GLY A 63 20.08 26.32 -17.44
N HIS A 64 19.30 25.86 -16.45
CA HIS A 64 18.78 24.47 -16.40
C HIS A 64 17.38 24.32 -17.01
N SER A 65 16.72 25.43 -17.30
CA SER A 65 15.35 25.50 -17.76
C SER A 65 15.03 26.93 -18.17
N PHE A 66 13.77 27.23 -18.45
CA PHE A 66 13.32 28.57 -18.71
C PHE A 66 12.04 28.77 -17.92
N HIS A 67 11.72 30.02 -17.54
N HIS A 67 11.67 29.99 -17.61
CA HIS A 67 10.54 30.35 -16.73
CA HIS A 67 10.36 30.11 -17.06
C HIS A 67 9.77 31.41 -17.41
C HIS A 67 9.76 31.40 -17.39
N VAL A 68 8.44 31.44 -17.26
CA VAL A 68 7.60 32.60 -17.65
C VAL A 68 7.04 33.14 -16.35
N ASN A 69 7.46 34.36 -16.03
CA ASN A 69 7.03 35.03 -14.78
C ASN A 69 5.85 35.94 -14.97
N PHE A 70 5.03 36.06 -13.92
CA PHE A 70 3.86 36.92 -13.86
C PHE A 70 3.97 38.00 -12.75
N GLU A 71 3.43 39.19 -13.03
CA GLU A 71 3.23 40.18 -11.97
C GLU A 71 2.40 39.56 -10.88
N ASP A 72 2.82 39.76 -9.62
CA ASP A 72 2.09 39.16 -8.52
C ASP A 72 1.90 40.09 -7.35
N ASN A 73 1.61 41.35 -7.69
CA ASN A 73 1.35 42.39 -6.69
C ASN A 73 -0.10 42.43 -6.19
N ASP A 74 -1.01 41.75 -6.89
CA ASP A 74 -2.37 41.66 -6.41
C ASP A 74 -3.02 40.35 -6.85
N ASN A 75 -4.32 40.20 -6.60
CA ASN A 75 -5.02 38.95 -6.88
C ASN A 75 -5.71 38.90 -8.24
N ARG A 76 -5.15 39.55 -9.24
CA ARG A 76 -5.66 39.43 -10.61
C ARG A 76 -5.62 38.01 -11.19
N SER A 77 -4.65 37.20 -10.77
CA SER A 77 -4.52 35.84 -11.31
C SER A 77 -4.44 34.85 -10.17
N VAL A 78 -5.47 34.02 -10.02
CA VAL A 78 -5.50 33.20 -8.81
C VAL A 78 -5.94 31.76 -9.05
N LEU A 79 -5.53 30.88 -8.17
CA LEU A 79 -6.06 29.49 -8.03
C LEU A 79 -6.81 29.41 -6.71
N LYS A 80 -7.97 28.74 -6.73
CA LYS A 80 -8.81 28.45 -5.55
C LYS A 80 -9.45 27.03 -5.69
N GLY A 81 -10.12 26.61 -4.62
CA GLY A 81 -10.82 25.32 -4.59
C GLY A 81 -9.85 24.18 -4.36
N GLY A 82 -10.18 23.02 -4.90
CA GLY A 82 -9.42 21.82 -4.57
C GLY A 82 -9.41 21.60 -3.08
N PRO A 83 -8.23 21.34 -2.51
CA PRO A 83 -7.90 21.12 -1.09
C PRO A 83 -7.76 22.41 -0.28
N PHE A 84 -7.87 23.53 -0.98
CA PHE A 84 -7.45 24.82 -0.43
C PHE A 84 -8.62 25.61 0.09
N SER A 85 -8.39 26.28 1.23
CA SER A 85 -9.35 27.29 1.68
C SER A 85 -8.87 28.74 1.41
N ASP A 86 -7.58 28.87 1.15
CA ASP A 86 -6.93 30.12 0.82
C ASP A 86 -6.81 30.31 -0.71
N SER A 87 -6.80 31.55 -1.18
CA SER A 87 -6.56 31.87 -2.57
C SER A 87 -5.04 31.92 -2.85
N TYR A 88 -4.60 31.34 -3.98
CA TYR A 88 -3.15 31.32 -4.29
C TYR A 88 -2.84 32.14 -5.53
N ARG A 89 -1.81 32.99 -5.48
CA ARG A 89 -1.59 33.90 -6.58
C ARG A 89 -0.59 33.29 -7.60
N LEU A 90 -0.89 33.33 -8.89
CA LEU A 90 0.03 32.84 -9.94
C LEU A 90 1.32 33.64 -9.89
N PHE A 91 2.47 32.95 -9.92
CA PHE A 91 3.75 33.66 -10.16
C PHE A 91 4.58 33.21 -11.35
N GLN A 92 4.46 31.96 -11.80
CA GLN A 92 5.35 31.49 -12.85
C GLN A 92 4.76 30.19 -13.46
N PHE A 93 5.03 29.92 -14.76
CA PHE A 93 4.97 28.57 -15.23
C PHE A 93 6.24 28.11 -15.92
N HIS A 94 6.46 26.81 -16.01
CA HIS A 94 7.63 26.27 -16.72
C HIS A 94 7.44 24.82 -17.03
N PHE A 95 8.45 24.20 -17.68
CA PHE A 95 8.29 22.79 -18.14
C PHE A 95 9.51 21.99 -17.67
N HIS A 96 9.37 20.66 -17.54
CA HIS A 96 10.52 19.77 -17.41
C HIS A 96 10.45 18.79 -18.53
N TRP A 97 11.59 18.32 -19.01
CA TRP A 97 11.64 17.43 -20.13
C TRP A 97 12.82 16.52 -19.97
N GLY A 98 12.89 15.51 -20.82
CA GLY A 98 14.00 14.54 -20.89
C GLY A 98 14.78 14.55 -22.21
N SER A 99 15.83 13.73 -22.26
CA SER A 99 16.74 13.73 -23.39
C SER A 99 16.10 13.05 -24.63
N THR A 100 15.16 12.13 -24.38
CA THR A 100 14.39 11.56 -25.49
C THR A 100 12.91 11.61 -25.12
N ASN A 101 12.06 11.30 -26.10
CA ASN A 101 10.63 11.25 -25.87
C ASN A 101 10.16 10.24 -24.77
N GLU A 102 11.01 9.26 -24.48
CA GLU A 102 10.61 8.18 -23.56
C GLU A 102 10.45 8.50 -22.09
N HIS A 103 11.06 9.61 -21.65
CA HIS A 103 10.92 10.08 -20.28
C HIS A 103 11.05 11.60 -20.30
N GLY A 104 10.92 12.24 -19.15
CA GLY A 104 11.03 13.67 -19.12
C GLY A 104 10.03 14.28 -18.16
N SER A 105 8.87 13.66 -17.94
CA SER A 105 7.97 14.20 -16.90
C SER A 105 8.66 13.95 -15.52
N GLU A 106 8.17 14.64 -14.50
CA GLU A 106 8.68 14.47 -13.12
C GLU A 106 7.79 13.50 -12.40
N HIS A 107 6.51 13.81 -12.32
CA HIS A 107 5.57 12.83 -11.77
C HIS A 107 5.41 11.67 -12.78
N THR A 108 5.13 10.46 -12.27
CA THR A 108 4.76 9.31 -13.13
C THR A 108 3.46 8.77 -12.57
N VAL A 109 2.71 8.03 -13.41
CA VAL A 109 1.44 7.48 -12.95
C VAL A 109 1.49 5.94 -13.21
N ASP A 110 1.42 5.16 -12.14
CA ASP A 110 1.62 3.68 -12.24
C ASP A 110 2.85 3.32 -13.02
N GLY A 111 3.97 4.03 -12.74
CA GLY A 111 5.25 3.74 -13.35
C GLY A 111 5.46 4.34 -14.72
N VAL A 112 4.41 4.87 -15.33
CA VAL A 112 4.44 5.37 -16.69
C VAL A 112 5.04 6.81 -16.70
N LYS A 113 6.14 6.94 -17.46
CA LYS A 113 6.86 8.25 -17.65
C LYS A 113 6.29 8.92 -18.90
N TYR A 114 6.00 10.20 -18.80
CA TYR A 114 5.56 11.01 -19.96
C TYR A 114 6.71 11.82 -20.51
N SER A 115 6.54 12.47 -21.69
CA SER A 115 7.68 13.09 -22.34
C SER A 115 8.12 14.41 -21.64
N ALA A 116 7.17 15.06 -20.98
CA ALA A 116 7.44 16.37 -20.35
C ALA A 116 6.34 16.63 -19.29
N GLU A 117 6.45 17.74 -18.59
CA GLU A 117 5.45 18.12 -17.59
C GLU A 117 5.42 19.63 -17.45
N LEU A 118 4.21 20.17 -17.38
CA LEU A 118 4.00 21.60 -17.23
C LEU A 118 3.75 21.86 -15.76
N HIS A 119 4.40 22.88 -15.22
CA HIS A 119 4.10 23.29 -13.79
C HIS A 119 3.64 24.72 -13.73
N VAL A 120 2.53 24.98 -13.05
CA VAL A 120 1.97 26.33 -12.96
C VAL A 120 1.97 26.63 -11.43
N ALA A 121 2.85 27.56 -10.98
CA ALA A 121 3.16 27.69 -9.55
C ALA A 121 2.53 28.98 -9.01
N HIS A 122 2.07 28.87 -7.77
CA HIS A 122 1.31 29.95 -7.10
C HIS A 122 1.77 30.02 -5.64
N TRP A 123 1.52 31.13 -4.97
CA TRP A 123 1.87 31.30 -3.57
C TRP A 123 0.68 31.84 -2.79
N ASN A 124 0.67 31.51 -1.50
CA ASN A 124 -0.52 31.77 -0.63
C ASN A 124 -0.59 33.24 -0.22
N SER A 125 -1.41 34.01 -0.90
CA SER A 125 -1.48 35.47 -0.63
C SER A 125 -2.49 35.75 0.52
N ALA A 126 -3.13 34.70 1.05
CA ALA A 126 -4.07 34.87 2.16
C ALA A 126 -3.27 34.97 3.42
N LYS A 127 -2.23 34.16 3.50
CA LYS A 127 -1.46 34.08 4.70
C LYS A 127 -0.19 34.94 4.62
N TYR A 128 0.41 35.06 3.43
CA TYR A 128 1.71 35.72 3.28
C TYR A 128 1.63 36.88 2.37
N SER A 129 2.63 37.78 2.41
N SER A 129 2.63 37.79 2.48
CA SER A 129 2.55 38.93 1.54
CA SER A 129 2.67 39.01 1.67
C SER A 129 3.66 39.03 0.48
C SER A 129 3.57 38.97 0.44
N SER A 130 4.41 37.94 0.29
CA SER A 130 5.31 37.89 -0.87
C SER A 130 5.64 36.43 -1.13
N LEU A 131 5.99 36.13 -2.37
CA LEU A 131 6.66 34.84 -2.68
C LEU A 131 7.77 34.50 -1.72
N ALA A 132 8.68 35.45 -1.46
CA ALA A 132 9.85 35.11 -0.65
C ALA A 132 9.43 34.67 0.74
N GLU A 133 8.42 35.32 1.30
CA GLU A 133 7.88 34.89 2.58
C GLU A 133 7.20 33.49 2.53
N ALA A 134 6.40 33.28 1.48
CA ALA A 134 5.61 32.05 1.33
C ALA A 134 6.47 30.81 1.05
N ALA A 135 7.61 30.99 0.40
CA ALA A 135 8.20 29.86 -0.32
C ALA A 135 8.64 28.74 0.59
N SER A 136 9.02 29.06 1.83
CA SER A 136 9.57 28.01 2.72
C SER A 136 8.52 27.49 3.74
N LYS A 137 7.27 27.97 3.62
CA LYS A 137 6.15 27.67 4.58
C LYS A 137 5.40 26.44 4.13
N ALA A 138 4.90 25.63 5.06
CA ALA A 138 4.31 24.32 4.63
C ALA A 138 3.10 24.53 3.77
N ASP A 139 2.32 25.59 4.05
CA ASP A 139 1.13 25.94 3.25
C ASP A 139 1.39 27.10 2.29
N GLY A 140 2.62 27.29 1.89
CA GLY A 140 2.95 28.52 1.13
C GLY A 140 2.79 28.48 -0.38
N LEU A 141 2.96 27.31 -1.00
CA LEU A 141 2.93 27.19 -2.46
C LEU A 141 1.95 26.13 -2.94
N ALA A 142 1.38 26.38 -4.14
CA ALA A 142 0.46 25.40 -4.77
C ALA A 142 0.96 25.30 -6.21
N VAL A 143 1.24 24.09 -6.65
CA VAL A 143 1.72 23.92 -8.10
C VAL A 143 0.80 22.92 -8.80
N ILE A 144 0.27 23.30 -9.96
CA ILE A 144 -0.52 22.38 -10.83
C ILE A 144 0.48 21.72 -11.70
N GLY A 145 0.43 20.36 -11.81
CA GLY A 145 1.32 19.65 -12.73
C GLY A 145 0.41 19.02 -13.80
N VAL A 146 0.84 19.13 -15.04
CA VAL A 146 0.15 18.51 -16.20
C VAL A 146 1.13 17.67 -16.97
N LEU A 147 0.83 16.38 -17.12
CA LEU A 147 1.70 15.45 -17.82
C LEU A 147 1.51 15.76 -19.30
N MET A 148 2.61 15.77 -20.02
CA MET A 148 2.62 16.04 -21.48
C MET A 148 3.03 14.79 -22.25
N LYS A 149 2.16 14.38 -23.15
CA LYS A 149 2.33 13.09 -23.80
C LYS A 149 2.69 13.35 -25.30
N VAL A 150 3.78 12.73 -25.76
CA VAL A 150 4.23 12.94 -27.14
C VAL A 150 3.13 12.49 -28.11
N GLY A 151 2.84 13.32 -29.11
CA GLY A 151 1.77 12.99 -30.08
C GLY A 151 1.62 14.17 -30.99
N GLU A 152 0.39 14.65 -31.17
CA GLU A 152 0.11 15.72 -32.11
C GLU A 152 0.64 17.06 -31.61
N ALA A 153 1.08 17.91 -32.52
CA ALA A 153 1.53 19.24 -32.07
C ALA A 153 0.49 19.96 -31.30
N ASN A 154 0.91 20.69 -30.25
CA ASN A 154 -0.07 21.37 -29.40
C ASN A 154 -0.09 22.85 -29.76
N PRO A 155 -1.13 23.33 -30.42
CA PRO A 155 -0.93 24.71 -30.88
C PRO A 155 -1.02 25.74 -29.72
N LYS A 156 -1.50 25.34 -28.55
CA LYS A 156 -1.57 26.29 -27.45
C LYS A 156 -0.17 26.63 -26.93
N LEU A 157 0.82 25.80 -27.24
CA LEU A 157 2.21 26.11 -26.87
C LEU A 157 2.90 27.19 -27.71
N GLN A 158 2.24 27.63 -28.79
CA GLN A 158 2.85 28.52 -29.80
C GLN A 158 3.60 29.74 -29.34
N LYS A 159 2.89 30.58 -28.57
CA LYS A 159 3.49 31.86 -28.11
C LYS A 159 4.73 31.53 -27.31
N VAL A 160 4.66 30.48 -26.46
CA VAL A 160 5.86 30.10 -25.65
C VAL A 160 7.02 29.66 -26.50
N LEU A 161 6.76 28.76 -27.46
CA LEU A 161 7.84 28.24 -28.30
C LEU A 161 8.42 29.35 -29.20
N ASP A 162 7.57 30.23 -29.73
CA ASP A 162 8.00 31.34 -30.60
C ASP A 162 8.88 32.31 -29.80
N ALA A 163 8.70 32.36 -28.45
CA ALA A 163 9.53 33.26 -27.59
C ALA A 163 10.97 32.82 -27.37
N LEU A 164 11.26 31.53 -27.52
CA LEU A 164 12.50 30.95 -27.08
C LEU A 164 13.71 31.49 -27.91
N GLN A 165 13.45 31.87 -29.17
CA GLN A 165 14.53 32.39 -30.02
C GLN A 165 15.15 33.65 -29.43
N ALA A 166 14.43 34.36 -28.57
CA ALA A 166 14.99 35.59 -27.88
C ALA A 166 15.69 35.33 -26.57
N ILE A 167 15.65 34.10 -26.08
CA ILE A 167 16.27 33.77 -24.83
C ILE A 167 17.08 32.50 -24.94
N LYS A 168 17.87 32.38 -26.03
CA LYS A 168 18.53 31.13 -26.32
C LYS A 168 19.57 30.71 -25.35
N THR A 169 20.21 31.71 -24.71
CA THR A 169 21.33 31.41 -23.81
C THR A 169 21.07 31.94 -22.39
N LYS A 170 21.82 31.34 -21.50
CA LYS A 170 21.63 31.53 -20.05
C LYS A 170 21.63 32.97 -19.62
N GLY A 171 20.59 33.34 -18.89
CA GLY A 171 20.40 34.69 -18.46
C GLY A 171 19.71 35.62 -19.38
N LYS A 172 19.45 35.23 -20.65
CA LYS A 172 18.71 36.12 -21.48
C LYS A 172 17.26 36.20 -20.92
N ARG A 173 16.63 37.35 -21.09
CA ARG A 173 15.23 37.55 -20.68
C ARG A 173 14.58 38.48 -21.62
N ALA A 174 13.26 38.43 -21.77
CA ALA A 174 12.53 39.29 -22.67
C ALA A 174 11.17 39.40 -22.16
N PRO A 175 10.45 40.49 -22.49
CA PRO A 175 9.07 40.61 -22.15
C PRO A 175 8.25 39.48 -22.74
N PHE A 176 7.26 39.07 -21.98
CA PHE A 176 6.36 38.00 -22.45
C PHE A 176 5.04 38.42 -21.92
N THR A 177 4.20 39.04 -22.77
CA THR A 177 3.01 39.63 -22.22
C THR A 177 1.67 39.11 -22.82
N ASN A 178 0.60 39.48 -22.17
CA ASN A 178 -0.80 39.23 -22.64
C ASN A 178 -1.00 37.72 -22.85
N PHE A 179 -0.80 36.93 -21.80
CA PHE A 179 -0.95 35.47 -21.98
C PHE A 179 -1.55 34.86 -20.73
N ASP A 180 -2.60 34.09 -20.98
CA ASP A 180 -3.31 33.38 -19.91
C ASP A 180 -2.96 31.87 -19.93
N PRO A 181 -2.15 31.40 -18.93
CA PRO A 181 -1.71 30.03 -19.04
C PRO A 181 -2.76 28.99 -18.69
N SER A 182 -3.92 29.41 -18.23
CA SER A 182 -5.00 28.38 -18.17
C SER A 182 -5.32 27.81 -19.57
N THR A 183 -5.00 28.50 -20.63
CA THR A 183 -5.15 27.92 -22.00
C THR A 183 -4.31 26.67 -22.26
N LEU A 184 -3.28 26.42 -21.43
CA LEU A 184 -2.42 25.24 -21.52
C LEU A 184 -2.95 24.01 -20.76
N LEU A 185 -3.87 24.25 -19.84
CA LEU A 185 -4.40 23.18 -18.96
C LEU A 185 -5.32 22.27 -19.78
N PRO A 186 -5.43 21.00 -19.36
CA PRO A 186 -6.33 20.09 -20.13
C PRO A 186 -7.81 20.46 -19.92
N SER A 187 -8.75 19.98 -20.77
CA SER A 187 -10.12 20.48 -20.64
C SER A 187 -10.79 20.01 -19.32
N SER A 188 -10.39 18.84 -18.80
CA SER A 188 -10.87 18.37 -17.50
C SER A 188 -9.82 18.70 -16.47
N LEU A 189 -10.26 19.29 -15.36
CA LEU A 189 -9.35 19.51 -14.23
C LEU A 189 -9.46 18.49 -13.08
N ASP A 190 -9.96 17.27 -13.36
CA ASP A 190 -9.89 16.23 -12.33
C ASP A 190 -8.43 16.03 -11.91
N PHE A 191 -8.19 15.83 -10.60
CA PHE A 191 -6.82 15.85 -10.12
C PHE A 191 -6.51 14.90 -8.99
N TRP A 192 -5.23 14.68 -8.77
CA TRP A 192 -4.68 14.11 -7.57
C TRP A 192 -4.01 15.20 -6.80
N THR A 193 -4.00 15.07 -5.49
CA THR A 193 -3.24 16.03 -4.66
C THR A 193 -2.47 15.33 -3.51
N TYR A 194 -1.29 15.87 -3.19
CA TYR A 194 -0.54 15.36 -2.06
C TYR A 194 0.37 16.49 -1.59
N PRO A 195 0.79 16.42 -0.33
CA PRO A 195 1.75 17.40 0.23
C PRO A 195 3.16 17.05 -0.17
N GLY A 196 3.90 18.01 -0.77
CA GLY A 196 5.21 17.73 -1.28
C GLY A 196 6.12 18.95 -1.27
N SER A 197 7.00 19.00 -2.26
CA SER A 197 8.13 19.97 -2.23
C SER A 197 8.37 20.57 -3.57
N LEU A 198 9.24 21.58 -3.59
CA LEU A 198 9.84 22.00 -4.86
C LEU A 198 10.66 20.87 -5.38
N THR A 199 10.70 20.72 -6.69
CA THR A 199 11.42 19.57 -7.27
C THR A 199 12.89 19.81 -7.64
N HIS A 200 13.38 20.99 -7.27
CA HIS A 200 14.81 21.29 -7.45
C HIS A 200 15.20 22.17 -6.26
N PRO A 201 16.51 22.24 -5.97
CA PRO A 201 16.99 23.10 -4.84
C PRO A 201 16.31 24.45 -4.90
N PRO A 202 15.89 24.95 -3.75
CA PRO A 202 16.22 24.46 -2.40
C PRO A 202 15.28 23.38 -1.85
N LEU A 203 14.39 22.83 -2.70
CA LEU A 203 13.68 21.59 -2.30
C LEU A 203 12.76 21.75 -1.07
N TYR A 204 12.28 22.99 -0.81
CA TYR A 204 11.47 23.23 0.36
C TYR A 204 10.21 22.39 0.31
N GLU A 205 9.79 21.92 1.48
CA GLU A 205 8.57 21.09 1.61
C GLU A 205 7.37 22.01 1.88
N SER A 206 7.06 22.83 0.86
CA SER A 206 6.14 23.89 0.93
C SER A 206 5.04 23.83 -0.13
N VAL A 207 5.00 22.73 -0.89
CA VAL A 207 4.12 22.66 -2.07
C VAL A 207 2.97 21.65 -1.83
N THR A 208 1.79 22.17 -2.02
CA THR A 208 0.61 21.28 -2.21
C THR A 208 0.49 21.06 -3.74
N TRP A 209 0.62 19.81 -4.13
CA TRP A 209 0.60 19.47 -5.56
C TRP A 209 -0.82 19.17 -6.03
N ILE A 210 -1.14 19.63 -7.25
CA ILE A 210 -2.40 19.36 -7.96
C ILE A 210 -1.97 18.76 -9.28
N ILE A 211 -2.13 17.44 -9.47
CA ILE A 211 -1.63 16.81 -10.67
C ILE A 211 -2.90 16.45 -11.46
N CYS A 212 -3.07 17.04 -12.62
CA CYS A 212 -4.18 16.68 -13.55
C CYS A 212 -4.16 15.25 -13.98
N LYS A 213 -5.34 14.61 -13.97
CA LYS A 213 -5.29 13.24 -14.49
C LYS A 213 -5.24 13.11 -16.00
N GLU A 214 -5.78 14.10 -16.71
CA GLU A 214 -5.70 14.17 -18.18
C GLU A 214 -4.40 14.88 -18.61
N SER A 215 -3.76 14.28 -19.59
CA SER A 215 -2.53 14.81 -20.17
C SER A 215 -2.89 15.88 -21.23
N ILE A 216 -1.87 16.62 -21.69
CA ILE A 216 -2.03 17.46 -22.87
C ILE A 216 -0.95 16.94 -23.82
N SER A 217 -1.08 17.26 -25.10
N SER A 217 -1.09 17.30 -25.09
CA SER A 217 -0.14 16.75 -26.07
CA SER A 217 -0.21 16.79 -26.11
C SER A 217 1.06 17.69 -26.21
C SER A 217 0.99 17.73 -26.34
N VAL A 218 2.05 17.18 -26.91
CA VAL A 218 3.22 17.96 -27.36
C VAL A 218 3.77 17.07 -28.49
N SER A 219 4.24 17.71 -29.57
CA SER A 219 5.01 16.95 -30.58
C SER A 219 6.52 16.74 -30.30
N SER A 220 7.06 15.72 -30.97
N SER A 220 7.04 15.72 -30.98
CA SER A 220 8.49 15.40 -30.87
CA SER A 220 8.46 15.39 -31.01
C SER A 220 9.31 16.65 -31.32
C SER A 220 9.29 16.65 -31.32
N GLU A 221 8.77 17.44 -32.24
CA GLU A 221 9.51 18.63 -32.78
C GLU A 221 9.34 19.79 -31.75
N GLN A 222 8.17 19.84 -31.12
CA GLN A 222 8.00 20.80 -30.06
C GLN A 222 8.96 20.52 -28.90
N LEU A 223 9.10 19.28 -28.45
CA LEU A 223 10.08 18.90 -27.43
C LEU A 223 11.49 19.25 -27.89
N ALA A 224 11.76 19.07 -29.19
CA ALA A 224 13.12 19.43 -29.66
C ALA A 224 13.41 20.92 -29.44
N GLN A 225 12.40 21.82 -29.55
CA GLN A 225 12.61 23.22 -29.28
C GLN A 225 13.07 23.43 -27.86
N PHE A 226 12.39 22.79 -26.89
CA PHE A 226 12.94 22.88 -25.52
C PHE A 226 14.39 22.41 -25.41
N ARG A 227 14.74 21.30 -26.06
CA ARG A 227 16.04 20.72 -25.87
C ARG A 227 17.12 21.52 -26.59
N SER A 228 16.73 22.44 -27.46
CA SER A 228 17.71 23.21 -28.22
C SER A 228 17.97 24.54 -27.49
N LEU A 229 17.21 24.85 -26.43
CA LEU A 229 17.67 25.93 -25.50
C LEU A 229 19.07 25.64 -24.97
N LEU A 230 19.85 26.69 -24.71
CA LEU A 230 21.26 26.47 -24.38
C LEU A 230 21.56 26.88 -22.95
N SER A 231 22.22 26.03 -22.20
CA SER A 231 22.58 26.31 -20.79
C SER A 231 23.87 27.22 -20.56
N ASN A 232 24.65 27.45 -21.61
CA ASN A 232 25.88 28.28 -21.58
C ASN A 232 25.48 29.72 -21.85
N VAL A 233 26.34 30.69 -21.49
CA VAL A 233 26.08 32.11 -21.79
C VAL A 233 26.56 32.41 -23.20
N GLU A 234 26.01 33.47 -23.78
CA GLU A 234 26.34 33.92 -25.15
C GLU A 234 27.87 33.91 -25.38
N GLY A 235 28.29 33.35 -26.51
CA GLY A 235 29.69 33.42 -26.94
C GLY A 235 30.43 32.19 -26.51
N ASP A 236 29.89 31.45 -25.54
CA ASP A 236 30.47 30.19 -25.16
C ASP A 236 30.10 29.01 -26.10
N ASN A 237 30.79 27.86 -25.98
CA ASN A 237 30.40 26.67 -26.79
C ASN A 237 29.04 26.23 -26.28
N ALA A 238 28.21 25.82 -27.22
CA ALA A 238 26.81 25.44 -26.96
C ALA A 238 26.76 24.20 -26.07
N VAL A 239 25.95 24.27 -25.00
CA VAL A 239 25.63 23.10 -24.15
C VAL A 239 24.08 23.08 -24.12
N PRO A 240 23.46 22.24 -24.99
CA PRO A 240 21.97 22.19 -25.03
C PRO A 240 21.40 21.75 -23.68
N MET A 241 20.20 22.23 -23.38
CA MET A 241 19.45 21.80 -22.20
C MET A 241 18.71 20.46 -22.47
N GLN A 242 19.40 19.37 -22.29
CA GLN A 242 18.84 18.10 -22.77
C GLN A 242 17.71 17.62 -21.87
N HIS A 243 17.86 17.88 -20.55
CA HIS A 243 16.90 17.35 -19.57
C HIS A 243 16.94 18.05 -18.23
N ASN A 244 15.82 18.00 -17.49
CA ASN A 244 15.78 18.68 -16.23
C ASN A 244 14.71 18.15 -15.31
N ASN A 245 14.43 16.84 -15.44
CA ASN A 245 13.52 16.21 -14.48
C ASN A 245 14.19 15.49 -13.35
N ARG A 246 13.62 15.60 -12.17
CA ARG A 246 14.11 14.92 -11.00
C ARG A 246 13.42 13.54 -10.96
N PRO A 247 14.16 12.49 -10.54
CA PRO A 247 13.56 11.17 -10.33
C PRO A 247 12.48 11.21 -9.28
N THR A 248 11.51 10.29 -9.38
CA THR A 248 10.48 10.23 -8.36
C THR A 248 11.05 9.80 -7.02
N GLN A 249 10.38 10.25 -5.98
CA GLN A 249 10.88 10.19 -4.60
C GLN A 249 9.93 9.29 -3.75
N PRO A 250 10.45 8.72 -2.66
CA PRO A 250 9.55 7.85 -1.87
C PRO A 250 8.38 8.57 -1.17
N LEU A 251 7.17 7.98 -1.17
CA LEU A 251 6.03 8.55 -0.51
C LEU A 251 6.18 8.71 1.01
N LYS A 252 6.96 7.85 1.68
CA LYS A 252 7.14 7.99 3.14
C LYS A 252 5.81 8.08 3.88
N GLY A 253 4.86 7.30 3.43
CA GLY A 253 3.60 7.22 4.13
C GLY A 253 2.62 8.28 3.86
N ARG A 254 2.91 9.20 2.92
CA ARG A 254 1.91 10.15 2.49
C ARG A 254 0.79 9.48 1.69
N THR A 255 -0.35 10.14 1.69
CA THR A 255 -1.52 9.68 0.99
C THR A 255 -1.76 10.61 -0.20
N VAL A 256 -1.82 10.02 -1.37
CA VAL A 256 -2.30 10.77 -2.53
C VAL A 256 -3.81 10.72 -2.61
N ARG A 257 -4.43 11.87 -2.59
CA ARG A 257 -5.89 11.94 -2.75
C ARG A 257 -6.34 12.16 -4.19
N ALA A 258 -7.50 11.59 -4.54
CA ALA A 258 -8.06 11.73 -5.90
C ALA A 258 -9.35 12.46 -5.82
N SER A 259 -9.51 13.39 -6.72
CA SER A 259 -10.69 14.22 -6.76
C SER A 259 -11.80 13.48 -7.51
N PHE A 260 -11.50 12.30 -8.02
CA PHE A 260 -12.44 11.67 -8.98
C PHE A 260 -12.53 10.19 -8.61
N ASP B 4 14.57 -19.96 19.02
CA ASP B 4 14.25 -20.33 17.59
C ASP B 4 13.58 -21.74 17.35
N TRP B 5 12.65 -21.77 16.38
CA TRP B 5 11.77 -22.93 16.16
C TRP B 5 11.22 -22.94 14.76
N GLY B 6 10.94 -24.13 14.23
CA GLY B 6 10.35 -24.30 12.91
C GLY B 6 9.68 -25.66 12.75
N TYR B 7 9.71 -26.20 11.53
CA TYR B 7 9.05 -27.47 11.25
C TYR B 7 10.01 -28.50 10.67
N ASP B 8 11.29 -28.12 10.58
CA ASP B 8 12.32 -29.01 9.98
C ASP B 8 12.88 -29.93 11.05
N ASP B 9 13.75 -30.84 10.67
CA ASP B 9 14.27 -31.79 11.63
C ASP B 9 14.95 -31.11 12.79
N LYS B 10 15.81 -30.16 12.51
CA LYS B 10 16.62 -29.58 13.60
C LYS B 10 15.86 -28.71 14.62
N ASN B 11 14.74 -28.10 14.21
CA ASN B 11 14.01 -27.12 15.05
C ASN B 11 12.48 -27.39 15.17
N GLY B 12 12.06 -28.59 14.75
CA GLY B 12 10.65 -28.93 14.69
C GLY B 12 9.97 -29.43 15.92
N PRO B 13 8.71 -29.91 15.73
CA PRO B 13 7.86 -30.24 16.85
C PRO B 13 8.46 -31.20 17.83
N GLU B 14 9.29 -32.12 17.36
CA GLU B 14 9.93 -33.08 18.26
C GLU B 14 10.97 -32.46 19.21
N GLN B 15 11.40 -31.24 18.91
N GLN B 15 11.42 -31.26 18.88
CA GLN B 15 12.40 -30.59 19.74
CA GLN B 15 12.43 -30.50 19.66
C GLN B 15 11.94 -29.22 20.27
C GLN B 15 11.80 -29.42 20.55
N TRP B 16 10.64 -28.90 20.15
CA TRP B 16 10.06 -27.73 20.83
C TRP B 16 10.16 -27.70 22.32
N SER B 17 9.96 -28.84 23.01
CA SER B 17 9.92 -28.84 24.50
C SER B 17 11.20 -28.28 25.15
N LYS B 18 12.29 -28.25 24.38
CA LYS B 18 13.60 -27.77 24.95
C LYS B 18 13.51 -26.30 25.35
N LEU B 19 13.02 -25.49 24.40
CA LEU B 19 12.84 -24.05 24.61
C LEU B 19 11.40 -23.77 25.19
N TYR B 20 10.45 -24.67 24.94
CA TYR B 20 9.07 -24.46 25.36
C TYR B 20 8.53 -25.70 26.11
N PRO B 21 8.88 -25.86 27.41
CA PRO B 21 8.53 -27.07 28.15
C PRO B 21 7.03 -27.43 28.21
N ILE B 22 6.15 -26.43 28.04
CA ILE B 22 4.72 -26.65 27.96
C ILE B 22 4.35 -27.60 26.80
N ALA B 23 5.25 -27.81 25.85
CA ALA B 23 5.00 -28.71 24.67
C ALA B 23 4.65 -30.12 25.11
N ASN B 24 5.08 -30.48 26.33
CA ASN B 24 4.81 -31.79 26.93
C ASN B 24 3.66 -31.64 27.93
N GLY B 25 2.87 -30.58 27.85
CA GLY B 25 1.80 -30.31 28.81
C GLY B 25 0.59 -31.22 28.74
N ASN B 26 -0.42 -30.93 29.56
CA ASN B 26 -1.62 -31.78 29.61
C ASN B 26 -2.78 -31.32 28.75
N ASN B 27 -2.61 -30.16 28.12
CA ASN B 27 -3.66 -29.56 27.30
C ASN B 27 -3.11 -29.11 25.94
N GLN B 28 -2.28 -29.96 25.33
CA GLN B 28 -1.65 -29.60 24.04
C GLN B 28 -2.48 -29.95 22.84
N SER B 29 -2.35 -29.13 21.79
CA SER B 29 -3.07 -29.32 20.51
C SER B 29 -2.10 -29.45 19.37
N PRO B 30 -2.55 -30.02 18.21
CA PRO B 30 -3.92 -30.57 17.96
C PRO B 30 -4.06 -31.96 18.59
N VAL B 31 -5.24 -32.52 18.42
CA VAL B 31 -5.60 -33.85 18.95
C VAL B 31 -6.32 -34.64 17.86
N ASP B 32 -6.30 -35.97 18.02
CA ASP B 32 -7.18 -36.87 17.21
C ASP B 32 -8.53 -36.83 17.88
N ILE B 33 -9.58 -36.66 17.09
CA ILE B 33 -10.92 -36.77 17.68
C ILE B 33 -11.42 -38.16 17.33
N LYS B 34 -11.59 -38.99 18.37
CA LYS B 34 -12.15 -40.35 18.15
C LYS B 34 -13.64 -40.23 18.37
N THR B 35 -14.41 -40.35 17.31
CA THR B 35 -15.83 -39.95 17.37
C THR B 35 -16.62 -40.89 18.31
N SER B 36 -16.17 -42.13 18.49
CA SER B 36 -16.88 -43.02 19.45
C SER B 36 -16.70 -42.63 20.93
N GLU B 37 -15.71 -41.79 21.24
CA GLU B 37 -15.42 -41.33 22.61
C GLU B 37 -15.90 -39.89 22.89
N THR B 38 -16.49 -39.25 21.88
CA THR B 38 -17.03 -37.87 22.10
C THR B 38 -18.28 -37.92 22.98
N LYS B 39 -18.54 -36.86 23.73
CA LYS B 39 -19.72 -36.77 24.62
C LYS B 39 -20.60 -35.65 24.13
N HIS B 40 -21.89 -35.92 23.96
CA HIS B 40 -22.83 -34.82 23.72
C HIS B 40 -23.19 -34.05 24.97
N ASP B 41 -22.90 -32.77 24.95
CA ASP B 41 -23.20 -31.91 26.10
C ASP B 41 -24.37 -31.03 25.71
N THR B 42 -25.50 -31.18 26.43
CA THR B 42 -26.69 -30.45 26.08
C THR B 42 -26.51 -28.94 26.33
N SER B 43 -25.52 -28.54 27.10
CA SER B 43 -25.38 -27.11 27.43
C SER B 43 -24.69 -26.37 26.25
N LEU B 44 -24.21 -27.09 25.27
CA LEU B 44 -23.58 -26.37 24.09
C LEU B 44 -24.56 -25.71 23.15
N LYS B 45 -24.47 -24.38 23.02
CA LYS B 45 -25.33 -23.69 22.07
C LYS B 45 -24.72 -23.77 20.68
N PRO B 46 -25.51 -23.53 19.64
CA PRO B 46 -24.88 -23.39 18.31
C PRO B 46 -23.84 -22.22 18.38
N ILE B 47 -22.81 -22.28 17.55
CA ILE B 47 -21.87 -21.18 17.44
C ILE B 47 -22.42 -20.16 16.49
N SER B 48 -22.19 -18.91 16.80
CA SER B 48 -22.66 -17.77 15.99
C SER B 48 -21.42 -16.94 15.62
N VAL B 49 -21.18 -16.73 14.33
CA VAL B 49 -20.11 -15.82 13.97
C VAL B 49 -20.66 -14.65 13.17
N SER B 50 -20.23 -13.46 13.49
CA SER B 50 -20.58 -12.34 12.64
C SER B 50 -19.36 -11.45 12.48
N TYR B 51 -18.83 -11.44 11.29
CA TYR B 51 -17.68 -10.64 11.06
C TYR B 51 -17.99 -9.53 10.09
N ASN B 52 -17.42 -8.37 10.42
CA ASN B 52 -17.54 -7.15 9.60
C ASN B 52 -16.36 -7.11 8.64
N PRO B 53 -16.60 -7.22 7.32
CA PRO B 53 -15.46 -7.31 6.40
C PRO B 53 -14.56 -6.09 6.38
N ALA B 54 -15.01 -4.97 6.93
CA ALA B 54 -14.19 -3.75 7.03
C ALA B 54 -13.12 -3.91 8.13
N THR B 55 -13.17 -4.98 8.94
CA THR B 55 -12.14 -5.16 9.94
C THR B 55 -10.91 -5.92 9.33
N ALA B 56 -10.97 -6.43 8.10
CA ALA B 56 -9.82 -7.07 7.49
C ALA B 56 -8.73 -6.02 7.31
N LYS B 57 -7.49 -6.34 7.72
CA LYS B 57 -6.42 -5.32 7.77
C LYS B 57 -5.22 -5.64 6.86
N GLU B 58 -4.57 -6.79 7.11
CA GLU B 58 -3.19 -6.96 6.59
C GLU B 58 -2.95 -8.44 6.39
N ILE B 59 -2.18 -8.79 5.37
CA ILE B 59 -1.68 -10.15 5.17
C ILE B 59 -0.15 -10.11 5.36
N ILE B 60 0.41 -11.13 6.02
CA ILE B 60 1.84 -11.03 6.39
C ILE B 60 2.45 -12.42 6.28
N ASN B 61 3.66 -12.49 5.70
CA ASN B 61 4.43 -13.73 5.71
C ASN B 61 5.26 -13.78 6.97
N VAL B 62 5.02 -14.79 7.81
CA VAL B 62 5.72 -14.98 9.10
C VAL B 62 6.79 -16.04 9.09
N GLY B 63 7.23 -16.43 7.91
CA GLY B 63 8.36 -17.41 7.84
C GLY B 63 7.98 -18.84 7.75
N HIS B 64 7.19 -19.33 8.74
CA HIS B 64 6.69 -20.69 8.71
C HIS B 64 5.27 -20.75 8.15
N SER B 65 4.64 -19.60 7.95
CA SER B 65 3.26 -19.59 7.43
C SER B 65 2.91 -18.17 7.00
N PHE B 66 1.63 -17.89 6.79
CA PHE B 66 1.22 -16.53 6.56
C PHE B 66 -0.07 -16.34 7.34
N HIS B 67 -0.36 -15.08 7.72
N HIS B 67 -0.41 -15.11 7.70
CA HIS B 67 -1.50 -14.68 8.56
CA HIS B 67 -1.72 -14.94 8.29
C HIS B 67 -2.33 -13.62 7.86
C HIS B 67 -2.34 -13.64 7.92
N VAL B 68 -3.67 -13.62 8.02
CA VAL B 68 -4.45 -12.44 7.64
C VAL B 68 -4.97 -11.86 8.96
N ASN B 69 -4.55 -10.64 9.29
CA ASN B 69 -4.90 -10.03 10.56
C ASN B 69 -6.07 -9.05 10.42
N PHE B 70 -6.86 -8.93 11.49
CA PHE B 70 -8.03 -8.04 11.51
C PHE B 70 -7.88 -6.97 12.55
N GLU B 71 -8.50 -5.79 12.35
CA GLU B 71 -8.42 -4.82 13.43
C GLU B 71 -9.28 -5.37 14.51
N ASP B 72 -8.84 -5.20 15.72
CA ASP B 72 -9.47 -5.84 16.87
C ASP B 72 -9.60 -4.87 18.04
N ASN B 73 -9.81 -3.60 17.68
CA ASN B 73 -9.93 -2.48 18.61
C ASN B 73 -11.35 -2.38 19.21
N ASP B 74 -12.28 -3.13 18.61
CA ASP B 74 -13.67 -3.16 19.06
C ASP B 74 -14.36 -4.53 18.69
N ASN B 75 -15.62 -4.69 19.05
CA ASN B 75 -16.37 -5.93 18.71
C ASN B 75 -17.21 -5.88 17.44
N ARG B 76 -16.64 -5.33 16.37
CA ARG B 76 -17.31 -5.47 15.10
C ARG B 76 -17.39 -6.90 14.63
N SER B 77 -16.40 -7.75 15.03
CA SER B 77 -16.24 -9.05 14.37
C SER B 77 -16.06 -10.06 15.54
N VAL B 78 -17.12 -10.86 15.80
CA VAL B 78 -17.11 -11.61 17.04
C VAL B 78 -17.64 -13.03 16.84
N LEU B 79 -17.11 -13.96 17.67
CA LEU B 79 -17.65 -15.32 17.82
C LEU B 79 -18.43 -15.43 19.14
N LYS B 80 -19.64 -15.97 19.11
CA LYS B 80 -20.35 -16.18 20.40
C LYS B 80 -20.96 -17.58 20.36
N GLY B 81 -21.56 -17.97 21.47
CA GLY B 81 -22.28 -19.29 21.46
C GLY B 81 -21.42 -20.50 21.78
N GLY B 82 -21.83 -21.67 21.27
CA GLY B 82 -21.06 -22.89 21.52
C GLY B 82 -20.83 -23.06 23.00
N PRO B 83 -19.57 -23.27 23.41
CA PRO B 83 -19.27 -23.52 24.86
C PRO B 83 -19.07 -22.24 25.63
N PHE B 84 -19.21 -21.08 24.98
CA PHE B 84 -18.83 -19.79 25.62
C PHE B 84 -20.02 -19.02 26.20
N SER B 85 -19.79 -18.31 27.30
CA SER B 85 -20.79 -17.26 27.60
C SER B 85 -20.37 -15.81 27.27
N ASP B 86 -19.07 -15.63 27.06
CA ASP B 86 -18.41 -14.42 26.57
C ASP B 86 -18.40 -14.34 25.03
N SER B 87 -18.41 -13.13 24.48
CA SER B 87 -18.04 -12.98 23.07
C SER B 87 -16.52 -12.93 22.92
N TYR B 88 -16.05 -13.49 21.81
CA TYR B 88 -14.59 -13.45 21.45
C TYR B 88 -14.38 -12.68 20.17
N ARG B 89 -13.31 -11.87 20.16
CA ARG B 89 -13.06 -10.95 19.08
C ARG B 89 -12.14 -11.58 18.04
N LEU B 90 -12.54 -11.59 16.76
CA LEU B 90 -11.70 -12.08 15.66
C LEU B 90 -10.40 -11.31 15.59
N PHE B 91 -9.26 -12.01 15.49
CA PHE B 91 -7.98 -11.30 15.23
C PHE B 91 -7.20 -11.76 14.02
N GLN B 92 -7.37 -13.02 13.59
CA GLN B 92 -6.52 -13.57 12.55
C GLN B 92 -7.16 -14.82 11.95
N PHE B 93 -6.93 -15.07 10.68
CA PHE B 93 -7.02 -16.50 10.23
C PHE B 93 -5.79 -16.91 9.46
N HIS B 94 -5.57 -18.22 9.37
CA HIS B 94 -4.41 -18.76 8.63
C HIS B 94 -4.67 -20.21 8.32
N PHE B 95 -3.68 -20.88 7.71
CA PHE B 95 -3.84 -22.25 7.29
C PHE B 95 -2.63 -23.06 7.75
N HIS B 96 -2.80 -24.37 7.79
CA HIS B 96 -1.65 -25.34 7.91
C HIS B 96 -1.78 -26.29 6.78
N TRP B 97 -0.65 -26.73 6.26
CA TRP B 97 -0.60 -27.71 5.18
C TRP B 97 0.59 -28.64 5.37
N GLY B 98 0.70 -29.66 4.50
CA GLY B 98 1.71 -30.66 4.62
C GLY B 98 2.47 -30.72 3.29
N SER B 99 3.51 -31.52 3.33
CA SER B 99 4.41 -31.59 2.15
C SER B 99 3.75 -32.33 0.98
N THR B 100 2.78 -33.20 1.23
CA THR B 100 2.00 -33.74 0.12
C THR B 100 0.54 -33.34 0.27
N ASN B 101 -0.25 -33.61 -0.79
CA ASN B 101 -1.65 -33.23 -0.80
C ASN B 101 -2.51 -34.12 0.05
N GLU B 102 -1.97 -35.22 0.53
CA GLU B 102 -2.81 -36.22 1.18
C GLU B 102 -2.91 -35.82 2.62
N HIS B 103 -1.77 -35.38 3.17
CA HIS B 103 -1.60 -35.25 4.61
C HIS B 103 -1.00 -33.95 5.11
N GLY B 104 -1.85 -33.06 5.61
CA GLY B 104 -1.35 -31.78 6.15
C GLY B 104 -2.24 -30.99 7.11
N SER B 105 -3.33 -31.58 7.55
CA SER B 105 -4.10 -30.98 8.64
C SER B 105 -3.43 -31.18 9.97
N GLU B 106 -3.91 -30.47 11.02
CA GLU B 106 -3.37 -30.60 12.35
C GLU B 106 -4.27 -31.55 13.10
N HIS B 107 -5.55 -31.23 13.22
CA HIS B 107 -6.45 -32.18 13.87
C HIS B 107 -6.71 -33.34 12.93
N THR B 108 -6.99 -34.50 13.52
CA THR B 108 -7.40 -35.68 12.72
C THR B 108 -8.71 -36.16 13.28
N VAL B 109 -9.47 -36.89 12.45
CA VAL B 109 -10.76 -37.47 12.97
C VAL B 109 -10.69 -39.00 12.79
N ASP B 110 -10.81 -39.75 13.89
CA ASP B 110 -10.69 -41.22 13.86
C ASP B 110 -9.39 -41.64 13.17
N GLY B 111 -8.30 -40.90 13.45
CA GLY B 111 -6.97 -41.11 12.83
C GLY B 111 -6.75 -40.70 11.39
N VAL B 112 -7.77 -40.14 10.73
CA VAL B 112 -7.68 -39.75 9.33
C VAL B 112 -7.19 -38.30 9.31
N LYS B 113 -6.10 -38.12 8.56
N LYS B 113 -6.11 -38.09 8.58
CA LYS B 113 -5.46 -36.83 8.38
CA LYS B 113 -5.50 -36.76 8.47
C LYS B 113 -6.03 -36.29 7.08
C LYS B 113 -5.89 -36.24 7.11
N TYR B 114 -6.41 -35.00 7.09
CA TYR B 114 -6.88 -34.34 5.88
C TYR B 114 -5.79 -33.52 5.21
N SER B 115 -6.09 -32.92 4.08
CA SER B 115 -5.03 -32.25 3.32
C SER B 115 -4.50 -30.97 3.97
N ALA B 116 -5.36 -30.24 4.64
CA ALA B 116 -4.96 -28.95 5.18
C ALA B 116 -5.98 -28.55 6.22
N GLU B 117 -5.77 -27.41 6.85
CA GLU B 117 -6.65 -26.94 7.94
C GLU B 117 -6.68 -25.42 8.00
N LEU B 118 -7.89 -24.86 8.17
CA LEU B 118 -8.07 -23.40 8.34
C LEU B 118 -8.25 -23.18 9.81
N HIS B 119 -7.62 -22.15 10.35
CA HIS B 119 -7.77 -21.70 11.74
C HIS B 119 -8.24 -20.27 11.74
N VAL B 120 -9.34 -20.00 12.44
CA VAL B 120 -9.89 -18.63 12.58
C VAL B 120 -9.79 -18.31 14.07
N ALA B 121 -8.92 -17.35 14.45
CA ALA B 121 -8.56 -17.17 15.87
C ALA B 121 -9.20 -15.91 16.45
N HIS B 122 -9.60 -16.00 17.73
CA HIS B 122 -10.36 -14.94 18.42
C HIS B 122 -9.83 -14.83 19.82
N TRP B 123 -10.03 -13.68 20.46
CA TRP B 123 -9.61 -13.54 21.88
C TRP B 123 -10.75 -12.97 22.76
N ASN B 124 -10.69 -13.28 24.04
CA ASN B 124 -11.82 -12.96 24.94
C ASN B 124 -11.86 -11.47 25.33
N SER B 125 -12.71 -10.72 24.65
CA SER B 125 -12.76 -9.27 24.90
C SER B 125 -13.78 -8.93 25.99
N ALA B 126 -14.50 -9.93 26.49
CA ALA B 126 -15.35 -9.71 27.66
C ALA B 126 -14.52 -9.66 28.92
N LYS B 127 -13.51 -10.50 29.02
CA LYS B 127 -12.66 -10.59 30.20
C LYS B 127 -11.38 -9.79 30.07
N TYR B 128 -10.89 -9.63 28.85
CA TYR B 128 -9.61 -8.97 28.63
C TYR B 128 -9.73 -7.74 27.73
N SER B 129 -8.60 -7.00 27.64
CA SER B 129 -8.44 -5.69 26.98
C SER B 129 -7.70 -5.78 25.67
N SER B 130 -6.84 -6.80 25.53
CA SER B 130 -5.98 -6.92 24.36
C SER B 130 -5.64 -8.38 24.15
N LEU B 131 -5.23 -8.67 22.92
CA LEU B 131 -4.68 -9.99 22.57
C LEU B 131 -3.46 -10.35 23.39
N ALA B 132 -2.59 -9.36 23.62
CA ALA B 132 -1.43 -9.56 24.48
C ALA B 132 -1.85 -10.05 25.87
N GLU B 133 -2.89 -9.45 26.45
CA GLU B 133 -3.37 -9.84 27.78
C GLU B 133 -4.09 -11.24 27.72
N ALA B 134 -4.92 -11.46 26.68
CA ALA B 134 -5.79 -12.68 26.60
C ALA B 134 -4.94 -13.96 26.31
N ALA B 135 -3.79 -13.85 25.63
CA ALA B 135 -3.20 -15.03 24.95
C ALA B 135 -2.67 -16.12 25.85
N SER B 136 -2.23 -15.76 27.05
CA SER B 136 -1.74 -16.77 27.99
C SER B 136 -2.81 -17.23 28.98
N LYS B 137 -4.06 -16.79 28.87
CA LYS B 137 -5.02 -17.13 29.93
C LYS B 137 -5.83 -18.34 29.47
N ALA B 138 -6.20 -19.23 30.41
CA ALA B 138 -6.88 -20.48 30.01
C ALA B 138 -8.14 -20.24 29.20
N ASP B 139 -8.87 -19.17 29.52
CA ASP B 139 -10.10 -18.79 28.85
C ASP B 139 -9.87 -17.63 27.83
N GLY B 140 -8.62 -17.51 27.36
CA GLY B 140 -8.29 -16.30 26.57
C GLY B 140 -8.57 -16.34 25.10
N LEU B 141 -8.40 -17.55 24.50
CA LEU B 141 -8.45 -17.66 23.04
C LEU B 141 -9.52 -18.69 22.62
N ALA B 142 -10.09 -18.50 21.45
CA ALA B 142 -11.00 -19.47 20.86
C ALA B 142 -10.63 -19.58 19.40
N VAL B 143 -10.39 -20.78 18.93
CA VAL B 143 -10.00 -20.93 17.54
C VAL B 143 -10.97 -21.92 16.89
N ILE B 144 -11.50 -21.56 15.72
CA ILE B 144 -12.33 -22.51 14.90
C ILE B 144 -11.37 -23.18 13.94
N GLY B 145 -11.38 -24.52 13.86
CA GLY B 145 -10.60 -25.23 12.85
C GLY B 145 -11.62 -25.85 11.90
N VAL B 146 -11.28 -25.80 10.62
CA VAL B 146 -12.00 -26.43 9.53
C VAL B 146 -11.03 -27.33 8.76
N LEU B 147 -11.32 -28.62 8.68
CA LEU B 147 -10.54 -29.53 7.89
C LEU B 147 -10.77 -29.29 6.41
N MET B 148 -9.68 -29.39 5.64
CA MET B 148 -9.76 -29.12 4.20
C MET B 148 -9.36 -30.38 3.42
N LYS B 149 -10.21 -30.81 2.51
CA LYS B 149 -10.02 -32.07 1.83
C LYS B 149 -9.69 -31.80 0.33
N VAL B 150 -8.63 -32.40 -0.16
CA VAL B 150 -8.19 -32.09 -1.54
C VAL B 150 -9.26 -32.60 -2.51
N GLY B 151 -9.61 -31.80 -3.50
CA GLY B 151 -10.61 -32.17 -4.48
C GLY B 151 -10.80 -31.03 -5.41
N GLU B 152 -12.04 -30.56 -5.55
N GLU B 152 -12.03 -30.53 -5.56
CA GLU B 152 -12.39 -29.35 -6.35
CA GLU B 152 -12.29 -29.41 -6.45
C GLU B 152 -11.60 -28.14 -5.87
C GLU B 152 -11.80 -28.05 -5.89
N ALA B 153 -11.27 -27.22 -6.78
CA ALA B 153 -10.85 -25.86 -6.36
C ALA B 153 -11.87 -25.13 -5.57
N ASN B 154 -11.45 -24.44 -4.50
CA ASN B 154 -12.38 -23.71 -3.68
C ASN B 154 -12.35 -22.26 -4.06
N PRO B 155 -13.41 -21.78 -4.71
CA PRO B 155 -13.36 -20.40 -5.14
C PRO B 155 -13.32 -19.36 -4.02
N LYS B 156 -13.79 -19.70 -2.80
CA LYS B 156 -13.77 -18.75 -1.67
C LYS B 156 -12.36 -18.35 -1.23
N LEU B 157 -11.40 -19.16 -1.58
CA LEU B 157 -9.97 -18.93 -1.26
C LEU B 157 -9.29 -17.90 -2.17
N GLN B 158 -10.01 -17.48 -3.22
CA GLN B 158 -9.43 -16.63 -4.28
C GLN B 158 -8.75 -15.37 -3.79
N LYS B 159 -9.38 -14.56 -2.94
CA LYS B 159 -8.78 -13.24 -2.57
C LYS B 159 -7.49 -13.50 -1.79
N VAL B 160 -7.51 -14.59 -1.00
CA VAL B 160 -6.33 -14.95 -0.23
C VAL B 160 -5.22 -15.41 -1.15
N LEU B 161 -5.50 -16.29 -2.10
CA LEU B 161 -4.43 -16.86 -2.90
C LEU B 161 -3.84 -15.75 -3.87
N ASP B 162 -4.69 -14.88 -4.33
CA ASP B 162 -4.30 -13.73 -5.21
C ASP B 162 -3.39 -12.76 -4.43
N ALA B 163 -3.49 -12.73 -3.10
CA ALA B 163 -2.69 -11.81 -2.27
C ALA B 163 -1.29 -12.30 -2.06
N LEU B 164 -1.05 -13.59 -2.23
CA LEU B 164 0.18 -14.16 -1.80
C LEU B 164 1.40 -13.63 -2.59
N GLN B 165 1.16 -13.25 -3.83
CA GLN B 165 2.30 -12.76 -4.68
C GLN B 165 2.94 -11.50 -4.09
N ALA B 166 2.23 -10.74 -3.24
CA ALA B 166 2.79 -9.51 -2.63
C ALA B 166 3.52 -9.79 -1.33
N ILE B 167 3.48 -11.05 -0.86
CA ILE B 167 4.12 -11.40 0.43
C ILE B 167 4.95 -12.58 0.31
N LYS B 168 5.81 -12.67 -0.72
CA LYS B 168 6.48 -13.94 -1.00
C LYS B 168 7.51 -14.40 -0.01
N THR B 169 8.23 -13.44 0.61
CA THR B 169 9.28 -13.77 1.55
C THR B 169 9.00 -13.32 2.99
N LYS B 170 9.77 -13.91 3.91
CA LYS B 170 9.62 -13.60 5.36
C LYS B 170 9.56 -12.13 5.72
N GLY B 171 8.52 -11.75 6.49
CA GLY B 171 8.36 -10.36 6.89
C GLY B 171 7.63 -9.42 5.95
N LYS B 172 7.42 -9.81 4.65
CA LYS B 172 6.65 -8.91 3.81
C LYS B 172 5.17 -8.92 4.25
N ARG B 173 4.51 -7.79 4.02
CA ARG B 173 3.13 -7.61 4.44
C ARG B 173 2.51 -6.65 3.50
N ALA B 174 1.20 -6.78 3.37
CA ALA B 174 0.43 -5.87 2.50
C ALA B 174 -0.93 -5.65 3.09
N PRO B 175 -1.61 -4.55 2.72
CA PRO B 175 -3.02 -4.37 3.03
C PRO B 175 -3.87 -5.48 2.45
N PHE B 176 -4.87 -5.90 3.24
CA PHE B 176 -5.81 -6.95 2.82
C PHE B 176 -7.11 -6.52 3.49
N THR B 177 -8.05 -6.02 2.67
CA THR B 177 -9.20 -5.36 3.21
C THR B 177 -10.49 -5.94 2.62
N ASN B 178 -11.58 -5.54 3.24
CA ASN B 178 -12.96 -5.86 2.79
C ASN B 178 -13.11 -7.40 2.61
N PHE B 179 -12.88 -8.15 3.70
CA PHE B 179 -12.99 -9.60 3.60
C PHE B 179 -13.66 -10.14 4.86
N ASP B 180 -14.73 -10.93 4.66
CA ASP B 180 -15.42 -11.60 5.78
C ASP B 180 -15.00 -13.08 5.82
N PRO B 181 -14.14 -13.52 6.78
CA PRO B 181 -13.69 -14.87 6.60
C PRO B 181 -14.71 -15.97 7.04
N SER B 182 -15.88 -15.57 7.52
CA SER B 182 -16.96 -16.60 7.69
C SER B 182 -17.40 -17.20 6.36
N THR B 183 -17.02 -16.59 5.24
CA THR B 183 -17.35 -17.12 3.94
C THR B 183 -16.48 -18.35 3.62
N LEU B 184 -15.46 -18.58 4.44
CA LEU B 184 -14.65 -19.79 4.27
C LEU B 184 -15.15 -20.98 5.09
N LEU B 185 -16.06 -20.72 6.02
CA LEU B 185 -16.63 -21.85 6.88
C LEU B 185 -17.55 -22.74 6.09
N PRO B 186 -17.73 -24.01 6.51
CA PRO B 186 -18.66 -24.91 5.88
C PRO B 186 -20.12 -24.44 6.17
N SER B 187 -21.08 -24.95 5.39
CA SER B 187 -22.50 -24.47 5.48
C SER B 187 -23.06 -24.76 6.89
N SER B 188 -22.73 -25.93 7.37
CA SER B 188 -23.16 -26.35 8.72
C SER B 188 -22.07 -26.09 9.73
N LEU B 189 -22.42 -25.51 10.89
CA LEU B 189 -21.44 -25.24 11.95
C LEU B 189 -21.54 -26.22 13.12
N ASP B 190 -22.00 -27.44 12.83
CA ASP B 190 -21.86 -28.51 13.87
C ASP B 190 -20.42 -28.66 14.27
N PHE B 191 -20.14 -28.87 15.54
CA PHE B 191 -18.74 -28.85 15.98
C PHE B 191 -18.42 -29.82 17.12
N TRP B 192 -17.14 -30.08 17.30
CA TRP B 192 -16.57 -30.72 18.49
C TRP B 192 -15.85 -29.61 19.23
N THR B 193 -15.77 -29.71 20.54
CA THR B 193 -14.90 -28.73 21.23
C THR B 193 -14.06 -29.40 22.32
N TYR B 194 -12.87 -28.88 22.60
CA TYR B 194 -12.05 -29.41 23.71
C TYR B 194 -11.07 -28.30 24.14
N PRO B 195 -10.54 -28.38 25.36
CA PRO B 195 -9.64 -27.35 25.86
C PRO B 195 -8.24 -27.73 25.41
N GLY B 196 -7.56 -26.78 24.79
CA GLY B 196 -6.25 -27.10 24.29
C GLY B 196 -5.31 -25.88 24.23
N SER B 197 -4.47 -25.84 23.20
CA SER B 197 -3.31 -24.92 23.19
C SER B 197 -3.14 -24.32 21.77
N LEU B 198 -2.29 -23.28 21.70
CA LEU B 198 -1.73 -22.86 20.38
C LEU B 198 -0.97 -24.03 19.84
N THR B 199 -1.05 -24.29 18.54
CA THR B 199 -0.35 -25.46 17.96
C THR B 199 1.13 -25.27 17.56
N HIS B 200 1.63 -24.05 17.77
CA HIS B 200 3.06 -23.82 17.59
C HIS B 200 3.49 -22.91 18.75
N PRO B 201 4.79 -22.74 18.94
CA PRO B 201 5.29 -21.95 20.04
C PRO B 201 4.70 -20.56 19.99
N PRO B 202 4.35 -19.97 21.16
CA PRO B 202 4.69 -20.43 22.52
C PRO B 202 3.79 -21.47 23.14
N LEU B 203 2.90 -22.06 22.32
CA LEU B 203 2.17 -23.29 22.77
C LEU B 203 1.32 -23.12 24.03
N TYR B 204 0.89 -21.89 24.29
CA TYR B 204 0.15 -21.57 25.48
C TYR B 204 -1.08 -22.42 25.55
N GLU B 205 -1.44 -22.85 26.74
CA GLU B 205 -2.66 -23.66 26.87
C GLU B 205 -3.89 -22.78 27.14
N SER B 206 -4.25 -21.93 26.14
CA SER B 206 -5.25 -20.86 26.34
C SER B 206 -6.37 -20.94 25.35
N VAL B 207 -6.41 -22.06 24.60
CA VAL B 207 -7.32 -22.10 23.42
C VAL B 207 -8.49 -23.05 23.66
N THR B 208 -9.70 -22.51 23.52
CA THR B 208 -10.87 -23.39 23.40
C THR B 208 -11.06 -23.66 21.94
N TRP B 209 -10.93 -24.96 21.57
CA TRP B 209 -10.97 -25.31 20.15
C TRP B 209 -12.41 -25.61 19.73
N ILE B 210 -12.79 -25.13 18.55
CA ILE B 210 -14.08 -25.41 17.96
C ILE B 210 -13.71 -26.07 16.64
N ILE B 211 -13.86 -27.39 16.53
CA ILE B 211 -13.53 -28.06 15.28
C ILE B 211 -14.84 -28.37 14.52
N CYS B 212 -14.98 -27.88 13.30
CA CYS B 212 -16.23 -28.11 12.51
C CYS B 212 -16.30 -29.58 12.09
N LYS B 213 -17.49 -30.17 12.24
CA LYS B 213 -17.60 -31.51 11.73
C LYS B 213 -17.62 -31.62 10.19
N GLU B 214 -18.05 -30.56 9.47
CA GLU B 214 -18.04 -30.59 7.98
C GLU B 214 -16.73 -30.00 7.49
N SER B 215 -16.16 -30.61 6.47
CA SER B 215 -14.93 -30.08 5.83
C SER B 215 -15.22 -29.12 4.66
N ILE B 216 -14.15 -28.47 4.16
CA ILE B 216 -14.29 -27.67 2.92
C ILE B 216 -13.29 -28.16 1.92
N SER B 217 -13.46 -27.82 0.64
CA SER B 217 -12.47 -28.37 -0.34
C SER B 217 -11.27 -27.41 -0.57
N VAL B 218 -10.33 -27.95 -1.34
CA VAL B 218 -9.19 -27.17 -1.80
C VAL B 218 -8.60 -28.00 -2.94
N SER B 219 -8.06 -27.34 -3.98
CA SER B 219 -7.47 -28.13 -5.05
C SER B 219 -5.97 -28.34 -4.84
N SER B 220 -5.45 -29.34 -5.57
N SER B 220 -5.41 -29.35 -5.55
CA SER B 220 -4.04 -29.66 -5.56
CA SER B 220 -3.96 -29.60 -5.56
C SER B 220 -3.16 -28.47 -5.99
C SER B 220 -3.20 -28.30 -5.88
N GLU B 221 -3.68 -27.59 -6.89
CA GLU B 221 -2.96 -26.37 -7.34
C GLU B 221 -3.03 -25.26 -6.30
N GLN B 222 -4.14 -25.17 -5.58
CA GLN B 222 -4.28 -24.19 -4.49
C GLN B 222 -3.32 -24.49 -3.36
N LEU B 223 -3.21 -25.77 -3.02
CA LEU B 223 -2.22 -26.19 -2.04
C LEU B 223 -0.79 -25.85 -2.48
N ALA B 224 -0.51 -26.06 -3.78
CA ALA B 224 0.83 -25.74 -4.25
C ALA B 224 1.09 -24.25 -4.07
N GLN B 225 0.07 -23.42 -4.20
CA GLN B 225 0.26 -21.96 -4.03
C GLN B 225 0.71 -21.67 -2.60
N PHE B 226 0.10 -22.34 -1.59
CA PHE B 226 0.61 -22.14 -0.24
C PHE B 226 2.05 -22.57 -0.17
N ARG B 227 2.38 -23.71 -0.80
CA ARG B 227 3.74 -24.26 -0.71
C ARG B 227 4.78 -23.41 -1.45
N SER B 228 4.34 -22.45 -2.25
CA SER B 228 5.26 -21.69 -3.02
C SER B 228 5.64 -20.43 -2.25
N LEU B 229 4.98 -20.20 -1.09
CA LEU B 229 5.44 -19.10 -0.27
C LEU B 229 6.87 -19.43 0.20
N LEU B 230 7.63 -18.38 0.51
CA LEU B 230 9.03 -18.62 0.90
C LEU B 230 9.32 -18.29 2.37
N SER B 231 10.10 -19.12 3.04
CA SER B 231 10.40 -18.94 4.48
C SER B 231 11.60 -17.98 4.70
N ASN B 232 12.34 -17.67 3.62
CA ASN B 232 13.61 -16.89 3.67
C ASN B 232 13.26 -15.47 3.51
N VAL B 233 14.18 -14.57 3.96
CA VAL B 233 14.04 -13.14 3.72
C VAL B 233 14.47 -12.82 2.26
N GLU B 234 13.96 -11.73 1.73
CA GLU B 234 14.19 -11.22 0.37
C GLU B 234 15.69 -11.18 0.09
N GLY B 235 16.08 -11.78 -1.03
CA GLY B 235 17.50 -11.81 -1.44
C GLY B 235 18.22 -13.11 -1.17
N ASP B 236 17.85 -13.86 -0.11
CA ASP B 236 18.43 -15.12 0.19
C ASP B 236 17.94 -16.14 -0.82
N ASN B 237 18.60 -17.28 -0.89
CA ASN B 237 18.14 -18.35 -1.81
C ASN B 237 16.72 -18.80 -1.38
N ALA B 238 15.84 -18.89 -2.36
CA ALA B 238 14.42 -19.25 -2.12
C ALA B 238 14.15 -20.62 -1.58
N VAL B 239 13.55 -20.69 -0.37
CA VAL B 239 13.27 -21.90 0.34
C VAL B 239 11.73 -22.02 0.60
N PRO B 240 11.09 -22.94 -0.10
CA PRO B 240 9.58 -22.93 -0.03
C PRO B 240 9.09 -23.38 1.33
N MET B 241 7.90 -22.92 1.71
CA MET B 241 7.28 -23.36 3.01
C MET B 241 6.51 -24.68 2.68
N GLN B 242 7.18 -25.80 2.86
CA GLN B 242 6.63 -27.05 2.42
C GLN B 242 5.56 -27.59 3.34
N HIS B 243 5.69 -27.28 4.63
CA HIS B 243 4.77 -27.82 5.63
C HIS B 243 4.82 -27.09 6.93
N ASN B 244 3.69 -27.13 7.67
CA ASN B 244 3.66 -26.41 8.92
C ASN B 244 2.56 -26.97 9.86
N ASN B 245 2.40 -28.30 9.84
CA ASN B 245 1.48 -28.95 10.75
C ASN B 245 2.15 -29.70 11.90
N ARG B 246 1.60 -29.50 13.09
CA ARG B 246 2.12 -30.20 14.24
C ARG B 246 1.45 -31.57 14.38
N PRO B 247 2.22 -32.61 14.75
CA PRO B 247 1.52 -33.90 15.01
C PRO B 247 0.47 -33.84 16.15
N THR B 248 -0.50 -34.77 16.18
CA THR B 248 -1.48 -34.78 17.27
C THR B 248 -0.81 -35.14 18.58
N GLN B 249 -1.32 -34.56 19.66
CA GLN B 249 -0.78 -34.68 21.00
C GLN B 249 -1.71 -35.48 21.89
N PRO B 250 -1.12 -36.08 22.94
CA PRO B 250 -2.01 -36.94 23.76
C PRO B 250 -3.14 -36.20 24.42
N LEU B 251 -4.36 -36.78 24.45
CA LEU B 251 -5.46 -36.16 25.19
C LEU B 251 -5.30 -36.00 26.69
N LYS B 252 -4.56 -36.89 27.35
CA LYS B 252 -4.31 -36.78 28.78
C LYS B 252 -5.55 -36.59 29.63
N GLY B 253 -6.56 -37.33 29.22
CA GLY B 253 -7.79 -37.42 29.99
C GLY B 253 -8.83 -36.39 29.63
N ARG B 254 -8.52 -35.47 28.66
CA ARG B 254 -9.57 -34.49 28.29
C ARG B 254 -10.72 -35.19 27.58
N THR B 255 -11.84 -34.49 27.55
CA THR B 255 -13.05 -34.93 26.86
C THR B 255 -13.30 -34.07 25.67
N VAL B 256 -13.49 -34.69 24.55
CA VAL B 256 -14.01 -33.95 23.38
C VAL B 256 -15.52 -33.95 23.39
N ARG B 257 -16.13 -32.75 23.41
CA ARG B 257 -17.61 -32.69 23.41
C ARG B 257 -18.10 -32.47 22.01
N ALA B 258 -19.29 -33.02 21.72
CA ALA B 258 -19.98 -32.84 20.41
C ALA B 258 -21.21 -31.97 20.55
N SER B 259 -21.41 -31.02 19.63
N SER B 259 -21.39 -31.03 19.62
CA SER B 259 -22.61 -30.18 19.65
CA SER B 259 -22.65 -30.34 19.45
C SER B 259 -23.86 -30.87 19.07
C SER B 259 -23.75 -31.29 18.91
N PHE B 260 -23.63 -32.00 18.39
N PHE B 260 -24.99 -30.80 19.01
CA PHE B 260 -24.56 -32.68 17.46
CA PHE B 260 -26.18 -31.58 18.64
C PHE B 260 -24.71 -34.20 17.76
C PHE B 260 -26.14 -32.18 17.23
ZN ZN C . 8.82 22.37 -12.00
C6 3UF D . 10.74 24.77 -8.33
C6 3UF D . 10.84 24.52 -8.13
C5 3UF D . 9.42 24.76 -8.70
C5 3UF D . 9.56 24.69 -8.63
O4 3UF D . 8.74 22.35 -7.86
O4 3UF D . 8.60 22.33 -7.90
S2 3UF D . 8.71 23.17 -9.10
S2 3UF D . 8.69 23.19 -9.13
O1 3UF D . 7.25 23.41 -9.52
O1 3UF D . 7.27 23.53 -9.63
N3 3UF D . 9.45 22.32 -10.38
N3 3UF D . 9.44 22.29 -10.38
C10 3UF D . 8.62 25.93 -8.71
C10 3UF D . 8.96 25.96 -8.67
C9 3UF D . 9.21 27.16 -8.36
C9 3UF D . 9.69 27.08 -8.24
C8 3UF D . 10.56 27.19 -7.97
C8 3UF D . 11.01 26.93 -7.72
C7 3UF D . 11.32 25.99 -7.96
C7 3UF D . 11.58 25.64 -7.67
S11 3UF D . 11.37 28.74 -7.48
S11 3UF D . 12.04 28.32 -7.12
C12 3UF D . 11.57 28.62 -5.68
C12 3UF D . 10.77 29.29 -6.23
C13 3UF D . 12.87 29.29 -5.22
C13 3UF D . 11.26 30.68 -5.85
O14 3UF D . 12.66 29.79 -3.93
O14 3UF D . 11.03 30.79 -4.48
C ACT E . 14.28 31.64 -0.81
O ACT E . 15.28 31.32 -1.48
OXT ACT E . 14.00 31.06 0.26
CH3 ACT E . 13.36 32.75 -1.29
ZN ZN F . -3.08 -22.65 13.35
C6 3UF G . -3.16 -19.06 16.54
C5 3UF G . -2.40 -20.23 16.56
O4 3UF G . -3.17 -22.65 17.53
S2 3UF G . -3.09 -21.80 16.27
O1 3UF G . -4.52 -21.53 15.78
N3 3UF G . -2.26 -22.66 15.09
C10 3UF G . -1.00 -20.26 16.79
C9 3UF G . -0.34 -19.05 17.05
C8 3UF G . -1.06 -17.83 17.04
C7 3UF G . -2.45 -17.88 16.79
S11 3UF G . -0.26 -16.18 17.32
C12 3UF G . 0.27 -15.96 19.05
C13 3UF G . 0.10 -14.50 19.47
O14 3UF G . 0.56 -14.35 20.80
C1 PEG H . 12.14 -7.99 6.32
O1 PEG H . 12.11 -9.41 6.60
C2 PEG H . 10.79 -7.26 6.43
O2 PEG H . 10.17 -7.08 5.13
C3 PEG H . 10.61 -6.00 4.28
C4 PEG H . 11.19 -6.49 2.92
O4 PEG H . 11.72 -7.84 2.95
#